data_6HAS
#
_entry.id   6HAS
#
_cell.length_a   59.732
_cell.length_b   59.732
_cell.length_c   83.305
_cell.angle_alpha   90.000
_cell.angle_beta   90.000
_cell.angle_gamma   120.000
#
_symmetry.space_group_name_H-M   'P 61'
#
loop_
_entity.id
_entity.type
_entity.pdbx_description
1 polymer 'Ribulose bisphosphate carboxylase/oxygenase activase'
2 non-polymer 'NICKEL (II) ION'
3 water water
#
_entity_poly.entity_id   1
_entity_poly.type   'polypeptide(L)'
_entity_poly.pdbx_seq_one_letter_code
;HLSLETQEQIRQILSQGHKITFEHVDARRFRTGSWQSCGTLHIDAESDAISTLEACLVDYDGEYVRMVGIDPKGKRRVVE
TIIQRPNGKN
;
_entity_poly.pdbx_strand_id   A,B
#
loop_
_chem_comp.id
_chem_comp.type
_chem_comp.name
_chem_comp.formula
NI non-polymer 'NICKEL (II) ION' 'Ni 2'
#
# COMPACT_ATOMS: atom_id res chain seq x y z
N HIS A 1 -22.91 1.76 6.91
CA HIS A 1 -23.87 2.31 7.89
C HIS A 1 -23.08 3.21 8.78
N LEU A 2 -22.81 4.41 8.30
CA LEU A 2 -21.97 5.34 9.05
C LEU A 2 -22.72 5.87 10.22
N SER A 3 -22.06 5.92 11.37
CA SER A 3 -22.67 6.45 12.55
C SER A 3 -22.90 7.95 12.44
N LEU A 4 -23.81 8.43 13.28
N LEU A 4 -23.81 8.44 13.29
CA LEU A 4 -24.00 9.86 13.45
CA LEU A 4 -24.01 9.86 13.44
C LEU A 4 -22.68 10.55 13.78
C LEU A 4 -22.69 10.55 13.79
N GLU A 5 -21.95 9.94 14.71
N GLU A 5 -21.94 9.94 14.71
CA GLU A 5 -20.70 10.50 15.17
CA GLU A 5 -20.69 10.50 15.19
C GLU A 5 -19.68 10.62 14.04
C GLU A 5 -19.67 10.63 14.05
N THR A 6 -19.54 9.56 13.25
CA THR A 6 -18.60 9.61 12.12
C THR A 6 -18.92 10.73 11.16
N GLN A 7 -20.20 10.90 10.90
CA GLN A 7 -20.62 11.98 10.01
C GLN A 7 -20.41 13.37 10.57
N GLU A 8 -20.62 13.51 11.88
N GLU A 8 -20.62 13.51 11.88
CA GLU A 8 -20.35 14.77 12.57
CA GLU A 8 -20.34 14.79 12.53
C GLU A 8 -18.86 15.11 12.48
C GLU A 8 -18.85 15.10 12.47
N GLN A 9 -18.01 14.09 12.63
CA GLN A 9 -16.54 14.28 12.54
C GLN A 9 -16.14 14.74 11.13
N ILE A 10 -16.78 14.14 10.12
CA ILE A 10 -16.58 14.60 8.74
C ILE A 10 -16.93 16.08 8.60
N ARG A 11 -18.12 16.44 9.09
CA ARG A 11 -18.57 17.82 9.02
C ARG A 11 -17.68 18.79 9.77
N GLN A 12 -17.20 18.38 10.93
CA GLN A 12 -16.29 19.19 11.72
C GLN A 12 -15.04 19.57 10.92
N ILE A 13 -14.47 18.59 10.21
CA ILE A 13 -13.29 18.85 9.42
C ILE A 13 -13.57 19.80 8.26
N LEU A 14 -14.63 19.50 7.52
CA LEU A 14 -14.96 20.29 6.34
C LEU A 14 -15.34 21.73 6.73
N SER A 15 -16.00 21.86 7.88
CA SER A 15 -16.43 23.19 8.36
C SER A 15 -15.26 24.12 8.66
N GLN A 16 -14.09 23.56 8.94
CA GLN A 16 -12.88 24.36 9.13
C GLN A 16 -12.20 24.77 7.83
N GLY A 17 -12.78 24.37 6.68
CA GLY A 17 -12.11 24.51 5.40
C GLY A 17 -10.94 23.53 5.24
N HIS A 18 -10.94 22.44 6.02
CA HIS A 18 -9.92 21.42 5.91
C HIS A 18 -10.43 20.34 4.97
N LYS A 19 -9.49 19.50 4.54
CA LYS A 19 -9.74 18.50 3.55
C LYS A 19 -9.54 17.15 4.20
N ILE A 20 -10.21 16.13 3.65
CA ILE A 20 -10.18 14.80 4.25
C ILE A 20 -9.42 13.83 3.37
N THR A 21 -8.51 13.09 4.01
CA THR A 21 -7.92 11.91 3.40
C THR A 21 -8.26 10.71 4.29
N PHE A 22 -8.77 9.67 3.69
CA PHE A 22 -8.97 8.41 4.40
C PHE A 22 -7.74 7.56 4.23
N GLU A 23 -7.40 6.85 5.30
CA GLU A 23 -6.24 5.96 5.26
C GLU A 23 -6.65 4.62 5.84
N HIS A 24 -5.91 3.62 5.41
CA HIS A 24 -6.13 2.25 5.84
C HIS A 24 -4.80 1.62 6.20
N VAL A 25 -4.84 0.65 7.09
CA VAL A 25 -3.65 -0.16 7.38
C VAL A 25 -4.08 -1.49 7.96
N ASP A 26 -3.37 -2.55 7.59
CA ASP A 26 -3.64 -3.85 8.16
C ASP A 26 -2.99 -3.97 9.53
N ALA A 27 -3.31 -5.02 10.27
CA ALA A 27 -2.79 -5.13 11.62
C ALA A 27 -1.29 -5.17 11.68
N ARG A 28 -0.68 -5.84 10.72
CA ARG A 28 0.77 -5.96 10.71
C ARG A 28 1.44 -4.58 10.53
N ARG A 29 0.94 -3.79 9.58
CA ARG A 29 1.55 -2.50 9.35
C ARG A 29 1.07 -1.45 10.34
N PHE A 30 -0.06 -1.69 11.02
CA PHE A 30 -0.47 -0.82 12.11
C PHE A 30 0.65 -0.76 13.18
N ARG A 31 1.33 -1.88 13.38
CA ARG A 31 2.45 -1.96 14.36
C ARG A 31 3.47 -0.85 14.17
N THR A 32 3.75 -0.49 12.91
CA THR A 32 4.77 0.48 12.59
C THR A 32 4.18 1.79 12.10
N GLY A 33 2.85 1.97 12.21
CA GLY A 33 2.23 3.22 11.78
C GLY A 33 2.28 3.45 10.30
N SER A 34 2.33 2.37 9.52
CA SER A 34 2.56 2.47 8.08
C SER A 34 1.25 2.51 7.32
N TRP A 35 0.52 3.59 7.53
CA TRP A 35 -0.78 3.76 6.90
C TRP A 35 -0.62 4.16 5.44
N GLN A 36 -1.65 3.90 4.64
CA GLN A 36 -1.68 4.35 3.26
C GLN A 36 -3.05 4.93 2.95
N SER A 37 -3.13 5.83 1.98
CA SER A 37 -4.41 6.40 1.63
C SER A 37 -5.32 5.38 0.95
N CYS A 38 -6.63 5.60 1.12
N CYS A 38 -6.61 5.68 1.06
CA CYS A 38 -7.62 4.96 0.25
CA CYS A 38 -7.59 5.00 0.29
C CYS A 38 -8.47 6.08 -0.34
C CYS A 38 -8.45 6.09 -0.34
N GLY A 39 -8.77 5.94 -1.62
CA GLY A 39 -9.60 6.92 -2.29
C GLY A 39 -8.88 8.17 -2.70
N THR A 40 -9.66 9.13 -3.16
CA THR A 40 -9.18 10.43 -3.57
C THR A 40 -8.65 11.20 -2.38
N LEU A 41 -7.52 11.86 -2.55
CA LEU A 41 -6.94 12.65 -1.48
C LEU A 41 -7.64 14.02 -1.40
N HIS A 42 -7.65 14.58 -0.19
CA HIS A 42 -8.07 15.97 0.00
C HIS A 42 -9.47 16.23 -0.45
N ILE A 43 -10.36 15.37 0.04
CA ILE A 43 -11.80 15.48 -0.20
C ILE A 43 -12.34 16.71 0.50
N ASP A 44 -13.22 17.43 -0.18
CA ASP A 44 -13.75 18.72 0.30
C ASP A 44 -15.25 18.78 0.35
N ALA A 45 -15.92 17.64 0.21
CA ALA A 45 -17.38 17.61 0.18
C ALA A 45 -17.85 16.37 0.94
N GLU A 46 -18.91 16.54 1.73
CA GLU A 46 -19.41 15.44 2.55
C GLU A 46 -19.87 14.24 1.74
N SER A 47 -20.54 14.48 0.63
CA SER A 47 -21.01 13.40 -0.21
C SER A 47 -19.82 12.53 -0.68
N ASP A 48 -18.78 13.20 -1.15
CA ASP A 48 -17.57 12.53 -1.63
C ASP A 48 -16.92 11.78 -0.46
N ALA A 49 -16.92 12.37 0.72
CA ALA A 49 -16.31 11.74 1.90
C ALA A 49 -17.05 10.49 2.28
N ILE A 50 -18.38 10.56 2.29
CA ILE A 50 -19.17 9.40 2.66
C ILE A 50 -18.98 8.28 1.65
N SER A 51 -19.07 8.61 0.36
CA SER A 51 -18.88 7.66 -0.71
C SER A 51 -17.51 6.97 -0.58
N THR A 52 -16.50 7.78 -0.36
CA THR A 52 -15.13 7.27 -0.29
C THR A 52 -14.93 6.41 0.93
N LEU A 53 -15.48 6.82 2.07
CA LEU A 53 -15.34 6.03 3.27
C LEU A 53 -16.04 4.72 3.12
N GLU A 54 -17.30 4.75 2.64
CA GLU A 54 -17.98 3.49 2.44
C GLU A 54 -17.19 2.54 1.52
N ALA A 55 -16.59 3.08 0.50
CA ALA A 55 -15.77 2.27 -0.41
C ALA A 55 -14.55 1.70 0.29
N CYS A 56 -13.90 2.52 1.10
N CYS A 56 -13.89 2.53 1.09
CA CYS A 56 -12.72 2.11 1.82
CA CYS A 56 -12.71 2.11 1.85
C CYS A 56 -13.04 1.02 2.85
C CYS A 56 -13.05 1.01 2.85
N LEU A 57 -14.19 1.14 3.54
CA LEU A 57 -14.63 0.13 4.49
C LEU A 57 -14.86 -1.22 3.84
N VAL A 58 -15.43 -1.22 2.64
CA VAL A 58 -15.66 -2.46 1.88
C VAL A 58 -14.33 -3.01 1.34
N ASP A 59 -13.57 -2.11 0.72
CA ASP A 59 -12.36 -2.52 0.02
C ASP A 59 -11.30 -3.02 0.97
N TYR A 60 -11.29 -2.51 2.21
CA TYR A 60 -10.28 -2.87 3.19
C TYR A 60 -10.98 -3.38 4.46
N ASP A 61 -12.03 -4.17 4.25
CA ASP A 61 -12.71 -4.78 5.35
C ASP A 61 -11.67 -5.63 6.05
N GLY A 62 -11.59 -5.55 7.35
CA GLY A 62 -10.55 -6.32 8.03
C GLY A 62 -9.35 -5.50 8.41
N GLU A 63 -9.24 -4.30 7.86
CA GLU A 63 -8.16 -3.39 8.24
C GLU A 63 -8.67 -2.28 9.14
N TYR A 64 -7.72 -1.49 9.68
CA TYR A 64 -8.04 -0.23 10.26
C TYR A 64 -8.32 0.75 9.16
N VAL A 65 -9.30 1.62 9.41
CA VAL A 65 -9.57 2.72 8.53
C VAL A 65 -9.69 3.95 9.40
N ARG A 66 -9.09 5.04 8.95
CA ARG A 66 -9.14 6.29 9.69
C ARG A 66 -9.38 7.45 8.76
N MET A 67 -9.80 8.56 9.36
CA MET A 67 -10.01 9.78 8.65
C MET A 67 -9.01 10.82 9.14
N VAL A 68 -8.39 11.52 8.19
CA VAL A 68 -7.38 12.54 8.46
C VAL A 68 -7.91 13.87 7.96
N GLY A 69 -7.99 14.86 8.85
CA GLY A 69 -8.32 16.22 8.46
C GLY A 69 -7.04 16.96 8.20
N ILE A 70 -6.95 17.65 7.07
CA ILE A 70 -5.71 18.25 6.61
C ILE A 70 -5.96 19.72 6.28
N ASP A 71 -5.10 20.59 6.83
CA ASP A 71 -5.14 22.02 6.51
C ASP A 71 -4.54 22.20 5.10
N PRO A 72 -5.32 22.73 4.13
CA PRO A 72 -4.83 22.80 2.75
C PRO A 72 -3.54 23.62 2.60
N LYS A 73 -3.33 24.56 3.50
CA LYS A 73 -2.09 25.31 3.56
C LYS A 73 -0.96 24.44 4.10
N GLY A 74 -0.08 23.98 3.20
CA GLY A 74 1.04 23.14 3.60
C GLY A 74 0.72 21.69 3.89
N LYS A 75 -0.54 21.29 3.68
CA LYS A 75 -0.98 19.91 3.88
C LYS A 75 -0.64 19.39 5.29
N ARG A 76 -0.89 20.24 6.30
CA ARG A 76 -0.63 19.91 7.69
C ARG A 76 -1.75 19.04 8.25
N ARG A 77 -1.36 17.89 8.81
CA ARG A 77 -2.31 16.93 9.36
C ARG A 77 -2.77 17.43 10.71
N VAL A 78 -4.07 17.69 10.80
CA VAL A 78 -4.66 18.33 11.96
C VAL A 78 -5.25 17.31 12.92
N VAL A 79 -5.94 16.30 12.39
CA VAL A 79 -6.59 15.31 13.25
C VAL A 79 -6.64 13.98 12.51
N GLU A 80 -6.56 12.89 13.29
CA GLU A 80 -6.70 11.54 12.79
C GLU A 80 -7.67 10.84 13.69
N THR A 81 -8.66 10.23 13.10
CA THR A 81 -9.67 9.52 13.89
C THR A 81 -9.91 8.16 13.26
N ILE A 82 -9.66 7.12 14.03
CA ILE A 82 -9.96 5.77 13.60
C ILE A 82 -11.45 5.58 13.57
N ILE A 83 -11.93 5.04 12.44
CA ILE A 83 -13.35 4.73 12.17
C ILE A 83 -13.67 3.23 12.26
N GLN A 84 -12.77 2.38 11.76
CA GLN A 84 -12.96 0.95 11.77
C GLN A 84 -11.64 0.35 12.28
N ARG A 85 -11.76 -0.72 13.08
CA ARG A 85 -10.67 -1.61 13.43
C ARG A 85 -10.83 -2.97 12.80
N PRO A 86 -9.76 -3.78 12.77
CA PRO A 86 -9.86 -5.11 12.22
C PRO A 86 -10.91 -5.93 12.95
N ASN A 87 -11.47 -6.87 12.18
CA ASN A 87 -12.47 -7.84 12.61
C ASN A 87 -11.87 -9.24 12.48
N HIS B 1 10.53 -19.41 0.31
CA HIS B 1 10.71 -20.03 -1.02
C HIS B 1 11.77 -19.28 -1.77
N LEU B 2 12.69 -20.03 -2.37
CA LEU B 2 13.67 -19.46 -3.26
C LEU B 2 14.07 -20.48 -4.28
N SER B 3 13.39 -20.47 -5.40
CA SER B 3 13.61 -21.46 -6.42
C SER B 3 14.90 -21.16 -7.18
N LEU B 4 15.40 -22.18 -7.87
CA LEU B 4 16.49 -21.98 -8.80
C LEU B 4 16.19 -20.91 -9.81
N GLU B 5 14.97 -20.93 -10.34
N GLU B 5 14.97 -20.94 -10.36
CA GLU B 5 14.57 -19.99 -11.37
CA GLU B 5 14.54 -19.99 -11.37
C GLU B 5 14.62 -18.56 -10.83
C GLU B 5 14.54 -18.55 -10.86
N THR B 6 14.06 -18.35 -9.64
CA THR B 6 14.05 -17.02 -9.03
C THR B 6 15.44 -16.50 -8.84
N GLN B 7 16.34 -17.36 -8.36
CA GLN B 7 17.74 -16.96 -8.19
C GLN B 7 18.40 -16.60 -9.49
N GLU B 8 18.15 -17.39 -10.55
N GLU B 8 18.15 -17.40 -10.53
CA GLU B 8 18.72 -17.11 -11.85
CA GLU B 8 18.70 -17.12 -11.84
C GLU B 8 18.22 -15.76 -12.36
C GLU B 8 18.21 -15.77 -12.34
N GLN B 9 16.93 -15.48 -12.15
CA GLN B 9 16.32 -14.23 -12.61
C GLN B 9 16.94 -13.04 -11.89
N ILE B 10 17.21 -13.19 -10.59
CA ILE B 10 17.92 -12.14 -9.81
C ILE B 10 19.27 -11.87 -10.44
N ARG B 11 20.02 -12.94 -10.69
CA ARG B 11 21.35 -12.82 -11.26
C ARG B 11 21.34 -12.19 -12.66
N GLN B 12 20.35 -12.61 -13.46
CA GLN B 12 20.20 -12.07 -14.81
C GLN B 12 20.00 -10.57 -14.79
N ILE B 13 19.17 -10.07 -13.88
CA ILE B 13 18.90 -8.65 -13.77
C ILE B 13 20.16 -7.90 -13.39
N LEU B 14 20.82 -8.38 -12.36
CA LEU B 14 22.00 -7.67 -11.84
C LEU B 14 23.14 -7.71 -12.85
N SER B 15 23.25 -8.80 -13.60
CA SER B 15 24.33 -8.94 -14.59
C SER B 15 24.22 -7.90 -15.73
N GLN B 16 23.01 -7.39 -15.95
CA GLN B 16 22.80 -6.32 -16.93
C GLN B 16 23.14 -4.93 -16.40
N GLY B 17 23.57 -4.85 -15.13
CA GLY B 17 23.66 -3.58 -14.42
C GLY B 17 22.31 -2.97 -14.08
N HIS B 18 21.24 -3.78 -14.05
CA HIS B 18 19.91 -3.30 -13.69
C HIS B 18 19.71 -3.52 -12.19
N LYS B 19 18.68 -2.89 -11.67
CA LYS B 19 18.41 -2.84 -10.25
C LYS B 19 17.07 -3.50 -10.00
N ILE B 20 16.92 -4.08 -8.82
CA ILE B 20 15.72 -4.84 -8.46
C ILE B 20 14.85 -4.14 -7.42
N THR B 21 13.55 -4.13 -7.71
CA THR B 21 12.53 -3.74 -6.73
C THR B 21 11.55 -4.89 -6.62
N PHE B 22 11.21 -5.28 -5.41
CA PHE B 22 10.17 -6.23 -5.16
C PHE B 22 8.87 -5.48 -4.90
N GLU B 23 7.78 -6.07 -5.36
CA GLU B 23 6.44 -5.50 -5.17
C GLU B 23 5.48 -6.54 -4.70
N HIS B 24 4.43 -6.11 -4.02
CA HIS B 24 3.41 -7.01 -3.48
C HIS B 24 2.04 -6.46 -3.83
N VAL B 25 1.06 -7.33 -3.88
CA VAL B 25 -0.32 -6.91 -4.01
C VAL B 25 -1.25 -8.01 -3.51
N ASP B 26 -2.33 -7.62 -2.84
CA ASP B 26 -3.30 -8.59 -2.40
C ASP B 26 -4.23 -8.95 -3.56
N ALA B 27 -5.05 -9.98 -3.37
CA ALA B 27 -5.85 -10.45 -4.47
C ALA B 27 -6.82 -9.39 -4.99
N ARG B 28 -7.37 -8.59 -4.08
N ARG B 28 -7.38 -8.57 -4.10
CA ARG B 28 -8.33 -7.58 -4.50
CA ARG B 28 -8.32 -7.55 -4.53
C ARG B 28 -7.65 -6.51 -5.38
C ARG B 28 -7.65 -6.48 -5.37
N ARG B 29 -6.45 -6.05 -4.96
CA ARG B 29 -5.76 -5.02 -5.72
C ARG B 29 -5.04 -5.59 -6.92
N PHE B 30 -4.79 -6.90 -6.93
CA PHE B 30 -4.27 -7.56 -8.13
C PHE B 30 -5.20 -7.31 -9.31
N ARG B 31 -6.51 -7.27 -9.05
CA ARG B 31 -7.50 -7.01 -10.10
C ARG B 31 -7.21 -5.78 -10.93
N THR B 32 -6.69 -4.74 -10.29
CA THR B 32 -6.42 -3.48 -10.98
C THR B 32 -4.94 -3.23 -11.17
N GLY B 33 -4.09 -4.24 -10.90
CA GLY B 33 -2.67 -4.06 -11.07
C GLY B 33 -2.06 -3.06 -10.13
N SER B 34 -2.64 -2.93 -8.95
CA SER B 34 -2.22 -1.86 -8.00
C SER B 34 -1.16 -2.36 -7.05
N TRP B 35 -0.03 -2.69 -7.62
CA TRP B 35 1.10 -3.21 -6.87
C TRP B 35 1.82 -2.09 -6.12
N GLN B 36 2.49 -2.47 -5.04
CA GLN B 36 3.26 -1.52 -4.26
C GLN B 36 4.58 -2.15 -3.90
N SER B 37 5.62 -1.33 -3.67
CA SER B 37 6.90 -1.89 -3.33
C SER B 37 6.87 -2.54 -1.95
N CYS B 38 7.75 -3.53 -1.78
N CYS B 38 7.87 -3.36 -1.77
CA CYS B 38 8.12 -4.00 -0.47
CA CYS B 38 8.12 -3.93 -0.51
C CYS B 38 9.64 -3.94 -0.39
C CYS B 38 9.63 -3.97 -0.39
N GLY B 39 10.13 -3.52 0.76
CA GLY B 39 11.57 -3.46 0.96
C GLY B 39 12.26 -2.32 0.30
N THR B 40 13.58 -2.37 0.27
CA THR B 40 14.42 -1.33 -0.34
C THR B 40 14.31 -1.34 -1.84
N LEU B 41 14.23 -0.16 -2.42
CA LEU B 41 14.10 -0.04 -3.87
C LEU B 41 15.48 -0.07 -4.53
N HIS B 42 15.51 -0.53 -5.77
CA HIS B 42 16.69 -0.45 -6.63
C HIS B 42 17.90 -1.13 -6.05
N ILE B 43 17.67 -2.38 -5.65
CA ILE B 43 18.68 -3.25 -5.10
C ILE B 43 19.69 -3.60 -6.21
N ASP B 44 20.98 -3.62 -5.83
CA ASP B 44 22.06 -3.86 -6.79
C ASP B 44 22.97 -5.00 -6.41
N ALA B 45 22.57 -5.82 -5.44
CA ALA B 45 23.40 -6.93 -4.96
C ALA B 45 22.53 -8.10 -4.65
N GLU B 46 23.02 -9.29 -4.98
CA GLU B 46 22.27 -10.53 -4.79
C GLU B 46 21.89 -10.76 -3.33
N SER B 47 22.82 -10.50 -2.42
N SER B 47 22.83 -10.50 -2.45
CA SER B 47 22.55 -10.73 -1.03
CA SER B 47 22.66 -10.62 -1.01
C SER B 47 21.40 -9.86 -0.55
C SER B 47 21.44 -9.83 -0.55
N ASP B 48 21.44 -8.58 -0.92
CA ASP B 48 20.38 -7.63 -0.56
C ASP B 48 19.04 -8.10 -1.20
N ALA B 49 19.10 -8.59 -2.43
CA ALA B 49 17.90 -9.03 -3.13
C ALA B 49 17.27 -10.23 -2.44
N ILE B 50 18.10 -11.21 -2.11
CA ILE B 50 17.58 -12.42 -1.49
C ILE B 50 16.98 -12.11 -0.11
N SER B 51 17.70 -11.28 0.66
CA SER B 51 17.25 -10.85 1.95
C SER B 51 15.88 -10.14 1.83
N THR B 52 15.78 -9.24 0.87
CA THR B 52 14.58 -8.44 0.71
C THR B 52 13.42 -9.33 0.26
N LEU B 53 13.69 -10.27 -0.64
CA LEU B 53 12.67 -11.18 -1.07
C LEU B 53 12.12 -12.01 0.12
N GLU B 54 13.01 -12.59 0.90
CA GLU B 54 12.54 -13.34 2.07
C GLU B 54 11.70 -12.47 2.99
N ALA B 55 12.09 -11.21 3.17
CA ALA B 55 11.30 -10.30 4.01
C ALA B 55 9.90 -10.09 3.42
N CYS B 56 9.86 -9.85 2.11
N CYS B 56 9.81 -9.85 2.12
CA CYS B 56 8.62 -9.56 1.44
CA CYS B 56 8.52 -9.60 1.48
C CYS B 56 7.66 -10.76 1.49
C CYS B 56 7.64 -10.82 1.53
N LEU B 57 8.23 -11.97 1.26
CA LEU B 57 7.41 -13.17 1.28
C LEU B 57 6.74 -13.40 2.62
N VAL B 58 7.49 -13.18 3.69
CA VAL B 58 6.99 -13.36 5.03
C VAL B 58 6.03 -12.23 5.43
N ASP B 59 6.46 -11.00 5.15
CA ASP B 59 5.66 -9.85 5.57
C ASP B 59 4.32 -9.77 4.84
N TYR B 60 4.28 -10.28 3.62
CA TYR B 60 3.06 -10.24 2.82
C TYR B 60 2.62 -11.64 2.42
N ASP B 61 2.77 -12.58 3.35
CA ASP B 61 2.35 -13.91 3.08
C ASP B 61 0.84 -13.86 2.84
N GLY B 62 0.40 -14.51 1.80
CA GLY B 62 -1.01 -14.44 1.44
C GLY B 62 -1.22 -13.56 0.23
N GLU B 63 -0.23 -12.75 -0.13
CA GLU B 63 -0.33 -11.87 -1.30
C GLU B 63 0.52 -12.36 -2.45
N TYR B 64 0.36 -11.72 -3.60
CA TYR B 64 1.29 -11.82 -4.68
C TYR B 64 2.55 -11.07 -4.35
N VAL B 65 3.69 -11.60 -4.79
CA VAL B 65 4.94 -10.89 -4.76
C VAL B 65 5.57 -11.04 -6.13
N ARG B 66 6.18 -9.96 -6.63
CA ARG B 66 6.89 -10.00 -7.88
C ARG B 66 8.21 -9.26 -7.79
N MET B 67 9.07 -9.55 -8.75
CA MET B 67 10.39 -8.93 -8.85
C MET B 67 10.45 -8.11 -10.11
N VAL B 68 10.94 -6.87 -10.01
CA VAL B 68 11.03 -5.92 -11.11
C VAL B 68 12.50 -5.58 -11.36
N GLY B 69 12.96 -5.74 -12.59
CA GLY B 69 14.30 -5.33 -12.99
C GLY B 69 14.17 -3.98 -13.64
N ILE B 70 15.01 -3.04 -13.23
CA ILE B 70 14.91 -1.64 -13.64
C ILE B 70 16.26 -1.14 -14.16
N ASP B 71 16.27 -0.55 -15.34
CA ASP B 71 17.47 0.08 -15.89
C ASP B 71 17.69 1.41 -15.19
N PRO B 72 18.83 1.58 -14.48
CA PRO B 72 19.07 2.83 -13.74
C PRO B 72 19.00 4.10 -14.57
N LYS B 73 19.28 3.99 -15.86
CA LYS B 73 19.05 5.09 -16.78
C LYS B 73 17.56 5.36 -17.00
N GLY B 74 17.06 6.43 -16.35
CA GLY B 74 15.65 6.77 -16.43
C GLY B 74 14.70 5.91 -15.62
N LYS B 75 15.23 4.96 -14.85
CA LYS B 75 14.42 4.02 -14.08
C LYS B 75 13.33 3.34 -14.91
N ARG B 76 13.75 2.85 -16.07
CA ARG B 76 12.93 2.14 -17.02
C ARG B 76 12.71 0.68 -16.56
N ARG B 77 11.46 0.28 -16.43
CA ARG B 77 11.11 -1.08 -16.04
C ARG B 77 11.32 -2.01 -17.20
N VAL B 78 12.22 -2.96 -16.98
CA VAL B 78 12.65 -3.89 -18.02
C VAL B 78 11.87 -5.19 -17.95
N VAL B 79 11.66 -5.72 -16.76
CA VAL B 79 11.01 -7.00 -16.57
C VAL B 79 10.30 -7.03 -15.24
N GLU B 80 9.17 -7.74 -15.20
CA GLU B 80 8.43 -8.03 -13.99
C GLU B 80 8.16 -9.52 -14.02
N THR B 81 8.40 -10.15 -12.90
CA THR B 81 8.12 -11.56 -12.81
C THR B 81 7.46 -11.87 -11.49
N ILE B 82 6.25 -12.41 -11.54
CA ILE B 82 5.57 -12.87 -10.33
C ILE B 82 6.30 -14.09 -9.80
N ILE B 83 6.65 -14.04 -8.51
CA ILE B 83 7.36 -15.10 -7.79
C ILE B 83 6.49 -15.89 -6.84
N GLN B 84 5.52 -15.23 -6.19
N GLN B 84 5.51 -15.20 -6.23
CA GLN B 84 4.67 -15.82 -5.17
CA GLN B 84 4.64 -15.78 -5.24
C GLN B 84 3.25 -15.41 -5.48
C GLN B 84 3.22 -15.40 -5.56
N ARG B 85 2.31 -16.36 -5.37
CA ARG B 85 0.88 -16.13 -5.50
C ARG B 85 0.18 -16.51 -4.20
N PRO B 86 -1.04 -15.98 -4.00
CA PRO B 86 -1.78 -16.34 -2.80
C PRO B 86 -2.07 -17.81 -2.74
N ASN B 87 -2.18 -18.27 -1.48
CA ASN B 87 -2.36 -19.61 -0.96
C ASN B 87 -1.17 -20.01 -0.08
NI NI C . -23.47 0.03 5.69
#